data_2DUJ
#
_entry.id   2DUJ
#
_cell.length_a   68.249
_cell.length_b   68.249
_cell.length_c   108.241
_cell.angle_alpha   90.00
_cell.angle_beta   90.00
_cell.angle_gamma   90.00
#
_symmetry.space_group_name_H-M   'P 43 21 2'
#
loop_
_entity.id
_entity.type
_entity.pdbx_description
1 polymer 'Proteinase K'
2 polymer LLFND
3 non-polymer 'CALCIUM ION'
4 non-polymer 'NITRATE ION'
5 water water
#
loop_
_entity_poly.entity_id
_entity_poly.type
_entity_poly.pdbx_seq_one_letter_code
_entity_poly.pdbx_strand_id
1 'polypeptide(L)'
;AAQTNAPWGLARISSTSPGTSTYYYDESAGQGSCVYVIDTGIEASHPEFEGRAQMVKTYYYSSRDGNGHGTHCAGTVGSR
TYGVAKKTQLFGVKVLDDNGSGQYSTIIAGMDFVASDKNNRNCPKGVVASLSLGGGYSSSVNSAAARLQSSGVMVAVAAG
NNNADARNYSPASEPSVCTVGASDRYDRRSSFSNYGSVLDIFGPGTDILSTWIGGSTRSISGTSMATPHVAGLAAYLMTL
GKTTAASACRYIADTANKGDLSNIPFGTVNLLAYNNYQA
;
A
2 'polypeptide(L)' LLFND P
#
loop_
_chem_comp.id
_chem_comp.type
_chem_comp.name
_chem_comp.formula
CA non-polymer 'CALCIUM ION' 'Ca 2'
NO3 non-polymer 'NITRATE ION' 'N O3 -1'
#
# COMPACT_ATOMS: atom_id res chain seq x y z
N ALA A 1 20.36 -3.63 -7.91
CA ALA A 1 20.32 -2.15 -8.19
C ALA A 1 20.33 -1.41 -6.86
N ALA A 2 20.72 -0.14 -6.90
CA ALA A 2 20.73 0.66 -5.69
C ALA A 2 20.30 2.09 -6.01
N GLN A 3 19.42 2.63 -5.19
CA GLN A 3 19.06 4.04 -5.33
C GLN A 3 19.69 4.74 -4.13
N THR A 4 20.63 5.64 -4.40
CA THR A 4 21.23 6.38 -3.30
C THR A 4 20.36 7.56 -2.87
N ASN A 5 20.50 7.98 -1.61
CA ASN A 5 19.73 9.07 -1.06
C ASN A 5 18.24 8.87 -1.30
N ALA A 6 17.79 7.64 -1.05
CA ALA A 6 16.39 7.30 -1.23
C ALA A 6 15.56 7.84 -0.05
N PRO A 7 14.25 8.00 -0.24
CA PRO A 7 13.36 8.29 0.88
C PRO A 7 13.59 7.20 1.94
N TRP A 8 13.53 7.61 3.20
CA TRP A 8 13.88 6.70 4.29
C TRP A 8 13.12 5.39 4.30
N GLY A 9 11.85 5.43 3.87
CA GLY A 9 11.03 4.22 3.93
C GLY A 9 11.49 3.15 2.95
N LEU A 10 11.95 3.59 1.77
CA LEU A 10 12.47 2.63 0.78
C LEU A 10 13.76 2.02 1.31
N ALA A 11 14.64 2.87 1.87
CA ALA A 11 15.87 2.34 2.45
C ALA A 11 15.56 1.34 3.57
N ARG A 12 14.55 1.65 4.38
CA ARG A 12 14.21 0.80 5.53
C ARG A 12 13.76 -0.58 5.11
N ILE A 13 12.98 -0.68 4.04
CA ILE A 13 12.50 -1.99 3.62
C ILE A 13 13.56 -2.86 2.97
N SER A 14 14.73 -2.29 2.66
CA SER A 14 15.82 -3.10 2.13
C SER A 14 17.01 -3.20 3.09
N SER A 15 16.76 -2.99 4.38
CA SER A 15 17.81 -3.07 5.41
C SER A 15 17.34 -3.80 6.65
N THR A 16 18.26 -4.43 7.38
CA THR A 16 17.88 -5.06 8.64
C THR A 16 17.94 -4.09 9.79
N SER A 17 18.46 -2.89 9.56
CA SER A 17 18.58 -1.86 10.61
C SER A 17 18.12 -0.46 10.15
N PRO A 18 17.67 0.38 11.07
CA PRO A 18 17.25 1.73 10.68
C PRO A 18 18.47 2.61 10.42
N GLY A 19 18.23 3.76 9.80
CA GLY A 19 19.27 4.75 9.62
C GLY A 19 20.04 4.75 8.33
N THR A 20 19.74 3.82 7.43
CA THR A 20 20.43 3.79 6.15
C THR A 20 19.76 4.69 5.11
N SER A 21 20.44 4.95 4.01
CA SER A 21 19.87 5.87 3.03
C SER A 21 19.86 5.32 1.62
N THR A 22 20.25 4.05 1.45
CA THR A 22 20.25 3.47 0.12
C THR A 22 19.16 2.40 0.00
N TYR A 23 18.37 2.46 -1.07
CA TYR A 23 17.37 1.44 -1.33
C TYR A 23 17.97 0.39 -2.30
N TYR A 24 18.17 -0.83 -1.82
CA TYR A 24 18.69 -1.92 -2.67
C TYR A 24 17.56 -2.78 -3.15
N TYR A 25 17.54 -3.06 -4.45
CA TYR A 25 16.45 -3.84 -5.02
C TYR A 25 16.85 -4.53 -6.31
N ASP A 26 16.15 -5.62 -6.63
CA ASP A 26 16.40 -6.31 -7.87
C ASP A 26 15.86 -5.51 -9.04
N GLU A 27 16.66 -5.44 -10.11
CA GLU A 27 16.34 -4.68 -11.31
C GLU A 27 14.99 -5.00 -11.96
N SER A 28 14.48 -6.21 -11.73
CA SER A 28 13.17 -6.59 -12.30
C SER A 28 12.09 -5.60 -11.85
N ALA A 29 12.22 -5.12 -10.62
CA ALA A 29 11.42 -3.98 -10.12
C ALA A 29 9.90 -4.10 -10.31
N GLY A 30 9.37 -5.29 -10.16
CA GLY A 30 7.93 -5.47 -10.32
C GLY A 30 7.37 -5.44 -11.74
N GLN A 31 8.25 -5.50 -12.74
CA GLN A 31 7.78 -5.51 -14.14
C GLN A 31 6.89 -6.74 -14.39
N GLY A 32 5.77 -6.55 -15.09
CA GLY A 32 4.89 -7.68 -15.35
C GLY A 32 3.78 -7.84 -14.31
N SER A 33 3.89 -7.14 -13.19
CA SER A 33 2.82 -7.11 -12.21
C SER A 33 1.94 -5.86 -12.37
N CYS A 34 0.78 -5.87 -11.70
CA CYS A 34 -0.12 -4.74 -11.76
C CYS A 34 -0.66 -4.43 -10.39
N VAL A 35 -0.76 -3.13 -10.09
CA VAL A 35 -1.28 -2.74 -8.76
C VAL A 35 -2.41 -1.77 -8.99
N TYR A 36 -3.58 -2.08 -8.45
CA TYR A 36 -4.73 -1.17 -8.52
C TYR A 36 -4.67 -0.33 -7.26
N VAL A 37 -4.74 0.99 -7.40
CA VAL A 37 -4.74 1.91 -6.25
C VAL A 37 -6.16 2.46 -6.17
N ILE A 38 -6.87 2.08 -5.12
CA ILE A 38 -8.28 2.38 -5.00
C ILE A 38 -8.35 3.54 -4.01
N ASP A 39 -8.64 4.73 -4.52
CA ASP A 39 -8.38 5.92 -3.72
C ASP A 39 -9.01 7.15 -4.38
N THR A 40 -8.40 8.32 -4.27
CA THR A 40 -8.96 9.57 -4.88
C THR A 40 -8.61 9.73 -6.36
N GLY A 41 -7.91 8.74 -6.90
CA GLY A 41 -7.44 8.80 -8.27
C GLY A 41 -5.93 8.88 -8.36
N ILE A 42 -5.39 9.00 -9.57
CA ILE A 42 -3.94 9.14 -9.78
C ILE A 42 -3.72 10.17 -10.88
N GLU A 43 -2.82 11.12 -10.62
CA GLU A 43 -2.42 12.05 -11.68
C GLU A 43 -1.46 11.29 -12.61
N ALA A 44 -2.06 10.62 -13.60
CA ALA A 44 -1.31 9.73 -14.47
C ALA A 44 -0.24 10.42 -15.28
N SER A 45 -0.42 11.71 -15.49
CA SER A 45 0.50 12.49 -16.30
C SER A 45 1.77 12.88 -15.55
N HIS A 46 1.83 12.63 -14.23
CA HIS A 46 3.03 12.99 -13.47
C HIS A 46 4.25 12.28 -14.09
N PRO A 47 5.32 13.03 -14.39
CA PRO A 47 6.52 12.45 -15.01
C PRO A 47 7.07 11.25 -14.27
N GLU A 48 6.88 11.23 -12.95
CA GLU A 48 7.39 10.15 -12.12
C GLU A 48 6.78 8.79 -12.41
N PHE A 49 5.66 8.78 -13.13
CA PHE A 49 5.02 7.48 -13.43
C PHE A 49 5.47 6.94 -14.79
N GLU A 50 6.15 7.80 -15.58
CA GLU A 50 6.77 7.34 -16.85
C GLU A 50 5.80 6.66 -17.81
N GLY A 51 4.53 7.06 -17.77
CA GLY A 51 3.53 6.45 -18.64
C GLY A 51 3.00 5.09 -18.17
N ARG A 52 3.40 4.68 -16.97
CA ARG A 52 2.98 3.38 -16.43
C ARG A 52 1.70 3.39 -15.59
N ALA A 53 1.09 4.54 -15.48
CA ALA A 53 -0.14 4.68 -14.71
C ALA A 53 -1.30 5.07 -15.60
N GLN A 54 -2.48 4.57 -15.27
CA GLN A 54 -3.66 4.81 -16.08
C GLN A 54 -4.88 4.77 -15.17
N MET A 55 -5.80 5.72 -15.32
CA MET A 55 -7.08 5.66 -14.62
C MET A 55 -7.97 4.71 -15.40
N VAL A 56 -8.62 3.80 -14.68
CA VAL A 56 -9.51 2.82 -15.31
C VAL A 56 -10.97 2.94 -14.91
N LYS A 57 -11.26 3.65 -13.82
CA LYS A 57 -12.65 3.75 -13.40
C LYS A 57 -12.81 4.89 -12.42
N THR A 58 -13.88 5.68 -12.57
CA THR A 58 -14.21 6.67 -11.54
C THR A 58 -15.67 6.54 -11.17
N TYR A 59 -15.98 6.87 -9.92
CA TYR A 59 -17.34 6.85 -9.42
C TYR A 59 -17.88 8.28 -9.25
N TYR A 60 -17.12 9.26 -9.76
CA TYR A 60 -17.52 10.66 -9.69
C TYR A 60 -17.52 11.32 -11.06
N TYR A 61 -17.67 12.63 -11.10
CA TYR A 61 -17.82 13.35 -12.36
C TYR A 61 -16.59 13.28 -13.24
N SER A 62 -15.41 13.19 -12.61
CA SER A 62 -14.15 13.16 -13.32
C SER A 62 -13.29 12.03 -12.76
N SER A 63 -12.28 11.66 -13.54
CA SER A 63 -11.31 10.66 -13.09
C SER A 63 -10.08 11.33 -12.51
N ARG A 64 -10.06 12.65 -12.52
CA ARG A 64 -8.90 13.41 -12.02
C ARG A 64 -8.75 13.28 -10.50
N ASP A 65 -7.51 13.16 -10.02
CA ASP A 65 -7.26 13.26 -8.60
C ASP A 65 -7.20 14.74 -8.26
N GLY A 66 -8.25 15.27 -7.64
CA GLY A 66 -8.26 16.67 -7.20
C GLY A 66 -7.82 16.81 -5.75
N ASN A 67 -7.36 15.73 -5.14
CA ASN A 67 -6.99 15.74 -3.73
C ASN A 67 -5.47 15.62 -3.52
N GLY A 68 -4.89 14.58 -4.10
CA GLY A 68 -3.46 14.34 -3.96
C GLY A 68 -3.18 13.00 -3.27
N HIS A 69 -4.06 12.57 -2.35
CA HIS A 69 -3.87 11.34 -1.56
C HIS A 69 -3.57 10.11 -2.45
N GLY A 70 -4.42 9.91 -3.47
CA GLY A 70 -4.23 8.76 -4.35
C GLY A 70 -2.94 8.80 -5.11
N THR A 71 -2.57 9.98 -5.60
CA THR A 71 -1.31 10.14 -6.31
C THR A 71 -0.12 9.86 -5.39
N HIS A 72 -0.23 10.26 -4.12
CA HIS A 72 0.85 10.02 -3.18
C HIS A 72 1.03 8.51 -2.96
N CYS A 73 -0.07 7.82 -2.71
CA CYS A 73 -0.04 6.37 -2.46
C CYS A 73 0.48 5.66 -3.70
N ALA A 74 -0.03 6.04 -4.87
CA ALA A 74 0.47 5.42 -6.11
C ALA A 74 1.98 5.62 -6.29
N GLY A 75 2.46 6.82 -5.93
CA GLY A 75 3.90 7.13 -6.04
C GLY A 75 4.73 6.19 -5.16
N THR A 76 4.21 5.85 -3.98
CA THR A 76 4.94 4.94 -3.11
C THR A 76 4.96 3.49 -3.64
N VAL A 77 3.89 3.10 -4.32
CA VAL A 77 3.88 1.79 -4.95
C VAL A 77 4.88 1.75 -6.08
N GLY A 78 4.82 2.74 -6.98
CA GLY A 78 5.56 2.52 -8.22
C GLY A 78 6.09 3.70 -8.99
N SER A 79 6.28 4.85 -8.37
CA SER A 79 6.94 5.95 -9.10
C SER A 79 8.43 5.62 -9.23
N ARG A 80 9.09 6.27 -10.19
CA ARG A 80 10.53 6.06 -10.39
C ARG A 80 11.35 6.38 -9.14
N THR A 81 11.19 7.59 -8.60
CA THR A 81 11.99 7.99 -7.46
C THR A 81 11.47 7.55 -6.10
N TYR A 82 10.16 7.52 -5.94
CA TYR A 82 9.61 7.31 -4.61
C TYR A 82 8.97 5.94 -4.42
N GLY A 83 9.06 5.09 -5.44
CA GLY A 83 8.33 3.83 -5.45
C GLY A 83 9.13 2.60 -5.08
N VAL A 84 8.44 1.60 -4.53
CA VAL A 84 9.04 0.34 -4.17
C VAL A 84 9.27 -0.52 -5.43
N ALA A 85 8.25 -0.61 -6.28
CA ALA A 85 8.26 -1.47 -7.44
C ALA A 85 8.27 -0.55 -8.65
N LYS A 86 9.48 -0.20 -9.10
CA LYS A 86 9.63 0.91 -10.01
C LYS A 86 9.22 0.63 -11.45
N LYS A 87 8.89 -0.61 -11.77
CA LYS A 87 8.47 -0.91 -13.13
C LYS A 87 7.09 -1.54 -13.17
N THR A 88 6.35 -1.49 -12.08
CA THR A 88 5.01 -2.08 -12.11
C THR A 88 4.02 -1.20 -12.92
N GLN A 89 2.89 -1.78 -13.27
CA GLN A 89 1.83 -1.05 -13.95
C GLN A 89 0.80 -0.63 -12.90
N LEU A 90 0.44 0.64 -12.90
CA LEU A 90 -0.53 1.17 -11.93
C LEU A 90 -1.88 1.48 -12.58
N PHE A 91 -2.96 1.07 -11.91
CA PHE A 91 -4.31 1.35 -12.39
C PHE A 91 -5.05 2.08 -11.28
N GLY A 92 -5.65 3.20 -11.62
CA GLY A 92 -6.34 3.99 -10.63
C GLY A 92 -7.83 3.76 -10.63
N VAL A 93 -8.42 3.62 -9.44
CA VAL A 93 -9.86 3.49 -9.31
C VAL A 93 -10.29 4.56 -8.31
N LYS A 94 -11.08 5.52 -8.78
CA LYS A 94 -11.44 6.65 -7.93
C LYS A 94 -12.75 6.36 -7.18
N VAL A 95 -12.62 5.91 -5.92
CA VAL A 95 -13.82 5.64 -5.12
C VAL A 95 -13.95 6.73 -4.07
N LEU A 96 -12.91 7.56 -3.90
CA LEU A 96 -12.98 8.67 -2.93
C LEU A 96 -13.12 9.99 -3.68
N ASP A 97 -13.93 10.89 -3.14
CA ASP A 97 -14.07 12.22 -3.75
C ASP A 97 -12.84 13.11 -3.50
N ASP A 98 -12.87 14.32 -4.02
CA ASP A 98 -11.72 15.21 -3.91
C ASP A 98 -11.46 15.75 -2.51
N ASN A 99 -12.38 15.47 -1.59
CA ASN A 99 -12.20 15.80 -0.18
C ASN A 99 -11.68 14.60 0.59
N GLY A 100 -11.53 13.47 -0.09
CA GLY A 100 -10.96 12.27 0.50
C GLY A 100 -11.99 11.38 1.14
N SER A 101 -13.27 11.66 0.88
CA SER A 101 -14.32 10.85 1.49
C SER A 101 -15.13 10.03 0.48
N GLY A 102 -15.87 9.05 0.97
CA GLY A 102 -16.66 8.24 0.06
C GLY A 102 -17.56 7.32 0.84
N GLN A 103 -18.69 6.97 0.24
CA GLN A 103 -19.67 6.10 0.89
C GLN A 103 -19.22 4.66 0.75
N TYR A 104 -19.59 3.87 1.73
CA TYR A 104 -19.24 2.46 1.73
C TYR A 104 -19.75 1.72 0.47
N SER A 105 -20.93 2.07 -0.02
CA SER A 105 -21.45 1.40 -1.20
C SER A 105 -20.53 1.59 -2.42
N THR A 106 -19.93 2.77 -2.52
CA THR A 106 -19.03 3.08 -3.63
C THR A 106 -17.71 2.33 -3.48
N ILE A 107 -17.20 2.29 -2.26
CA ILE A 107 -15.96 1.59 -2.00
C ILE A 107 -16.11 0.09 -2.32
N ILE A 108 -17.25 -0.49 -1.92
CA ILE A 108 -17.54 -1.87 -2.24
C ILE A 108 -17.60 -2.06 -3.76
N ALA A 109 -18.33 -1.20 -4.45
CA ALA A 109 -18.40 -1.30 -5.91
C ALA A 109 -17.00 -1.31 -6.55
N GLY A 110 -16.12 -0.43 -6.05
CA GLY A 110 -14.75 -0.34 -6.57
C GLY A 110 -13.98 -1.64 -6.34
N MET A 111 -14.17 -2.30 -5.22
CA MET A 111 -13.50 -3.59 -4.98
C MET A 111 -14.04 -4.66 -5.95
N ASP A 112 -15.36 -4.73 -6.06
CA ASP A 112 -15.96 -5.69 -6.99
C ASP A 112 -15.50 -5.39 -8.42
N PHE A 113 -15.36 -4.12 -8.77
CA PHE A 113 -14.87 -3.77 -10.09
C PHE A 113 -13.49 -4.34 -10.39
N VAL A 114 -12.56 -4.19 -9.43
CA VAL A 114 -11.19 -4.65 -9.65
C VAL A 114 -11.17 -6.18 -9.82
N ALA A 115 -11.98 -6.89 -9.04
CA ALA A 115 -12.03 -8.35 -9.14
C ALA A 115 -12.38 -8.81 -10.55
N SER A 116 -13.26 -8.06 -11.22
CA SER A 116 -13.63 -8.36 -12.60
C SER A 116 -12.63 -7.79 -13.59
N ASP A 117 -12.25 -6.52 -13.40
CA ASP A 117 -11.41 -5.85 -14.38
C ASP A 117 -10.06 -6.50 -14.61
N LYS A 118 -9.50 -7.11 -13.57
CA LYS A 118 -8.17 -7.72 -13.70
C LYS A 118 -8.20 -8.82 -14.78
N ASN A 119 -9.38 -9.36 -15.07
CA ASN A 119 -9.49 -10.39 -16.09
C ASN A 119 -9.32 -9.80 -17.51
N ASN A 120 -9.38 -8.48 -17.65
CA ASN A 120 -9.21 -7.83 -18.95
C ASN A 120 -7.80 -7.28 -19.18
N ARG A 121 -6.90 -7.50 -18.22
CA ARG A 121 -5.58 -6.88 -18.27
C ARG A 121 -4.48 -7.91 -18.37
N ASN A 122 -3.38 -7.49 -18.96
CA ASN A 122 -2.22 -8.35 -19.05
C ASN A 122 -1.26 -8.10 -17.86
N CYS A 123 -1.35 -8.96 -16.84
CA CYS A 123 -0.56 -8.86 -15.61
C CYS A 123 0.01 -10.24 -15.33
N PRO A 124 0.95 -10.68 -16.16
CA PRO A 124 1.44 -12.06 -16.05
C PRO A 124 2.05 -12.46 -14.72
N LYS A 125 2.59 -11.51 -13.96
CA LYS A 125 3.20 -11.83 -12.69
C LYS A 125 2.26 -11.67 -11.51
N GLY A 126 1.04 -11.18 -11.74
CA GLY A 126 0.11 -11.08 -10.64
C GLY A 126 -0.51 -9.72 -10.42
N VAL A 127 -1.53 -9.66 -9.57
CA VAL A 127 -2.28 -8.43 -9.31
C VAL A 127 -2.38 -8.13 -7.82
N VAL A 128 -2.19 -6.86 -7.48
CA VAL A 128 -2.23 -6.36 -6.11
C VAL A 128 -3.26 -5.22 -6.07
N ALA A 129 -3.94 -5.05 -4.94
CA ALA A 129 -4.81 -3.89 -4.76
C ALA A 129 -4.41 -3.23 -3.44
N SER A 130 -4.25 -1.91 -3.48
CA SER A 130 -3.82 -1.17 -2.31
C SER A 130 -4.98 -0.28 -1.88
N LEU A 131 -5.43 -0.45 -0.63
CA LEU A 131 -6.57 0.32 -0.12
C LEU A 131 -6.18 1.14 1.08
N SER A 132 -5.80 2.39 0.84
CA SER A 132 -5.41 3.28 1.91
C SER A 132 -6.63 4.07 2.36
N LEU A 133 -7.58 3.36 2.96
CA LEU A 133 -8.82 3.99 3.34
C LEU A 133 -9.50 3.10 4.38
N GLY A 134 -10.54 3.64 5.00
CA GLY A 134 -11.30 2.85 5.94
C GLY A 134 -12.20 3.73 6.80
N GLY A 135 -12.99 3.06 7.61
CA GLY A 135 -13.87 3.76 8.52
C GLY A 135 -14.36 2.76 9.57
N GLY A 136 -15.51 3.02 10.17
CA GLY A 136 -16.00 2.15 11.24
C GLY A 136 -16.37 0.77 10.71
N TYR A 137 -16.43 -0.18 11.62
CA TYR A 137 -16.69 -1.54 11.23
C TYR A 137 -17.93 -1.70 10.35
N SER A 138 -17.78 -2.51 9.29
CA SER A 138 -18.90 -2.90 8.41
C SER A 138 -18.67 -4.30 7.88
N SER A 139 -19.59 -5.20 8.16
CA SER A 139 -19.43 -6.56 7.68
C SER A 139 -19.47 -6.60 6.15
N SER A 140 -20.20 -5.66 5.53
CA SER A 140 -20.32 -5.61 4.07
C SER A 140 -19.01 -5.17 3.42
N VAL A 141 -18.35 -4.20 4.03
CA VAL A 141 -17.07 -3.75 3.50
C VAL A 141 -16.05 -4.87 3.69
N ASN A 142 -16.07 -5.53 4.83
CA ASN A 142 -15.14 -6.63 5.07
C ASN A 142 -15.35 -7.73 4.04
N SER A 143 -16.62 -8.02 3.76
CA SER A 143 -16.95 -9.07 2.80
C SER A 143 -16.42 -8.73 1.41
N ALA A 144 -16.49 -7.45 1.01
CA ALA A 144 -16.00 -7.03 -0.28
C ALA A 144 -14.51 -7.23 -0.37
N ALA A 145 -13.80 -6.93 0.72
CA ALA A 145 -12.35 -7.11 0.71
C ALA A 145 -11.98 -8.59 0.61
N ALA A 146 -12.72 -9.42 1.32
CA ALA A 146 -12.52 -10.87 1.31
C ALA A 146 -12.77 -11.42 -0.09
N ARG A 147 -13.82 -10.93 -0.77
CA ARG A 147 -14.08 -11.38 -2.13
C ARG A 147 -12.93 -11.00 -3.04
N LEU A 148 -12.42 -9.78 -2.88
CA LEU A 148 -11.35 -9.31 -3.77
C LEU A 148 -10.13 -10.23 -3.61
N GLN A 149 -9.79 -10.51 -2.37
CA GLN A 149 -8.67 -11.39 -2.06
C GLN A 149 -8.92 -12.80 -2.66
N SER A 150 -10.12 -13.32 -2.44
CA SER A 150 -10.50 -14.65 -2.94
C SER A 150 -10.38 -14.78 -4.46
N SER A 151 -10.66 -13.68 -5.15
CA SER A 151 -10.62 -13.67 -6.62
C SER A 151 -9.20 -13.78 -7.21
N GLY A 152 -8.18 -13.69 -6.37
CA GLY A 152 -6.80 -13.86 -6.81
C GLY A 152 -6.00 -12.57 -6.79
N VAL A 153 -6.40 -11.61 -5.95
CA VAL A 153 -5.70 -10.32 -5.89
C VAL A 153 -5.10 -10.19 -4.50
N MET A 154 -3.86 -9.74 -4.41
CA MET A 154 -3.24 -9.54 -3.13
C MET A 154 -3.77 -8.23 -2.60
N VAL A 155 -4.58 -8.31 -1.54
CA VAL A 155 -5.19 -7.10 -0.99
C VAL A 155 -4.45 -6.56 0.22
N ALA A 156 -4.00 -5.30 0.14
CA ALA A 156 -3.32 -4.67 1.28
C ALA A 156 -4.18 -3.52 1.74
N VAL A 157 -4.47 -3.44 3.04
CA VAL A 157 -5.32 -2.36 3.57
C VAL A 157 -4.69 -1.64 4.74
N ALA A 158 -5.02 -0.35 4.90
CA ALA A 158 -4.49 0.42 6.03
C ALA A 158 -5.11 0.02 7.34
N ALA A 159 -4.29 -0.05 8.40
CA ALA A 159 -4.87 -0.37 9.71
C ALA A 159 -5.75 0.74 10.29
N GLY A 160 -5.46 2.00 9.94
CA GLY A 160 -6.21 3.13 10.46
C GLY A 160 -5.35 3.97 11.38
N ASN A 161 -5.74 5.24 11.57
CA ASN A 161 -4.93 6.21 12.30
C ASN A 161 -5.54 6.71 13.61
N ASN A 162 -6.21 5.83 14.35
CA ASN A 162 -6.88 6.22 15.60
C ASN A 162 -6.16 5.78 16.86
N ASN A 163 -4.93 5.28 16.75
CA ASN A 163 -4.22 4.76 17.92
C ASN A 163 -5.16 3.85 18.75
N ALA A 164 -5.83 2.93 18.04
CA ALA A 164 -6.81 2.03 18.65
C ALA A 164 -6.71 0.64 18.05
N ASP A 165 -7.50 -0.28 18.60
CA ASP A 165 -7.55 -1.63 18.08
C ASP A 165 -8.26 -1.62 16.74
N ALA A 166 -7.57 -2.14 15.73
CA ALA A 166 -8.09 -2.12 14.39
C ALA A 166 -9.30 -3.03 14.21
N ARG A 167 -9.63 -3.83 15.22
CA ARG A 167 -10.82 -4.69 15.15
C ARG A 167 -12.10 -3.91 14.92
N ASN A 168 -12.11 -2.62 15.23
CA ASN A 168 -13.34 -1.84 15.13
C ASN A 168 -13.41 -1.05 13.84
N TYR A 169 -12.52 -1.38 12.90
CA TYR A 169 -12.44 -0.62 11.64
C TYR A 169 -12.46 -1.52 10.43
N SER A 170 -12.96 -1.01 9.31
CA SER A 170 -13.04 -1.82 8.09
C SER A 170 -12.49 -1.01 6.89
N PRO A 171 -11.88 -1.68 5.93
CA PRO A 171 -11.71 -3.13 5.90
C PRO A 171 -10.53 -3.67 6.71
N ALA A 172 -9.90 -2.84 7.54
CA ALA A 172 -8.77 -3.28 8.37
C ALA A 172 -9.04 -4.58 9.12
N SER A 173 -10.27 -4.75 9.59
CA SER A 173 -10.58 -5.88 10.46
C SER A 173 -10.89 -7.19 9.74
N GLU A 174 -10.86 -7.21 8.41
CA GLU A 174 -11.11 -8.46 7.67
C GLU A 174 -9.85 -9.34 7.77
N PRO A 175 -9.92 -10.50 8.41
CA PRO A 175 -8.69 -11.26 8.63
C PRO A 175 -8.01 -11.73 7.34
N SER A 176 -8.77 -11.97 6.28
CA SER A 176 -8.18 -12.59 5.09
C SER A 176 -7.29 -11.70 4.23
N VAL A 177 -7.30 -10.39 4.51
CA VAL A 177 -6.49 -9.45 3.71
C VAL A 177 -5.22 -9.14 4.51
N CYS A 178 -4.37 -8.23 4.00
CA CYS A 178 -3.11 -7.96 4.71
C CYS A 178 -3.27 -6.56 5.29
N THR A 179 -3.35 -6.47 6.61
CA THR A 179 -3.64 -5.23 7.30
C THR A 179 -2.32 -4.65 7.77
N VAL A 180 -2.07 -3.38 7.41
CA VAL A 180 -0.75 -2.77 7.55
C VAL A 180 -0.73 -1.61 8.53
N GLY A 181 0.13 -1.71 9.56
CA GLY A 181 0.33 -0.60 10.51
C GLY A 181 1.51 0.27 10.06
N ALA A 182 1.77 1.36 10.76
CA ALA A 182 2.82 2.28 10.34
C ALA A 182 3.93 2.40 11.37
N SER A 183 5.15 2.60 10.88
CA SER A 183 6.27 2.84 11.78
C SER A 183 6.98 4.13 11.37
N ASP A 184 7.83 4.64 12.25
CA ASP A 184 8.62 5.86 11.89
C ASP A 184 10.09 5.56 11.65
N ARG A 185 10.89 6.59 11.36
CA ARG A 185 12.26 6.30 10.94
C ARG A 185 13.19 5.84 12.05
N TYR A 186 12.70 5.90 13.29
CA TYR A 186 13.46 5.40 14.44
C TYR A 186 12.95 4.05 14.91
N ASP A 187 12.17 3.37 14.06
CA ASP A 187 11.61 2.06 14.36
C ASP A 187 10.64 2.07 15.55
N ARG A 188 9.91 3.17 15.75
CA ARG A 188 8.82 3.14 16.70
C ARG A 188 7.52 2.97 15.93
N ARG A 189 6.53 2.32 16.56
CA ARG A 189 5.18 2.37 16.00
C ARG A 189 4.82 3.84 15.84
N SER A 190 4.27 4.22 14.69
CA SER A 190 3.83 5.61 14.50
C SER A 190 2.80 5.95 15.56
N SER A 191 2.85 7.18 16.05
CA SER A 191 2.00 7.52 17.19
C SER A 191 0.50 7.38 16.94
N PHE A 192 0.09 7.54 15.68
CA PHE A 192 -1.30 7.40 15.28
C PHE A 192 -1.70 6.01 14.82
N SER A 193 -0.74 5.10 14.66
CA SER A 193 -1.08 3.81 14.05
C SER A 193 -2.01 2.98 14.90
N ASN A 194 -3.05 2.41 14.28
CA ASN A 194 -3.82 1.39 14.98
C ASN A 194 -2.97 0.17 15.21
N TYR A 195 -3.44 -0.72 16.09
CA TYR A 195 -2.71 -1.93 16.44
C TYR A 195 -3.70 -3.05 16.68
N GLY A 196 -3.24 -4.16 17.24
CA GLY A 196 -4.19 -5.22 17.54
C GLY A 196 -3.84 -6.51 16.85
N SER A 197 -4.53 -7.58 17.22
CA SER A 197 -4.17 -8.90 16.71
C SER A 197 -4.42 -9.08 15.21
N VAL A 198 -5.28 -8.24 14.65
CA VAL A 198 -5.58 -8.37 13.22
C VAL A 198 -4.51 -7.77 12.31
N LEU A 199 -3.58 -7.01 12.86
CA LEU A 199 -2.49 -6.50 12.01
C LEU A 199 -1.64 -7.66 11.54
N ASP A 200 -1.17 -7.57 10.30
CA ASP A 200 -0.29 -8.59 9.74
C ASP A 200 1.15 -8.14 9.67
N ILE A 201 1.37 -6.83 9.51
CA ILE A 201 2.71 -6.36 9.20
C ILE A 201 2.74 -4.85 9.39
N PHE A 202 3.94 -4.32 9.63
CA PHE A 202 4.15 -2.87 9.67
C PHE A 202 5.00 -2.44 8.50
N GLY A 203 4.78 -1.21 8.06
CA GLY A 203 5.60 -0.60 7.03
C GLY A 203 5.84 0.87 7.37
N PRO A 204 6.81 1.53 6.73
CA PRO A 204 7.06 2.94 7.01
C PRO A 204 5.86 3.84 6.75
N GLY A 205 5.50 4.68 7.72
CA GLY A 205 4.29 5.51 7.58
C GLY A 205 4.41 6.94 8.05
N THR A 206 5.49 7.29 8.74
CA THR A 206 5.66 8.67 9.20
C THR A 206 6.63 9.44 8.32
N ASP A 207 6.20 10.60 7.83
CA ASP A 207 7.04 11.47 7.00
C ASP A 207 7.54 10.79 5.73
N ILE A 208 6.58 10.39 4.90
CA ILE A 208 6.85 9.69 3.65
C ILE A 208 6.77 10.63 2.46
N LEU A 209 7.90 10.77 1.77
CA LEU A 209 7.96 11.63 0.60
C LEU A 209 7.48 10.87 -0.62
N SER A 210 6.56 11.47 -1.37
CA SER A 210 6.07 10.84 -2.59
C SER A 210 5.51 11.88 -3.55
N THR A 211 4.97 11.41 -4.67
CA THR A 211 4.32 12.28 -5.65
C THR A 211 3.06 12.97 -5.15
N TRP A 212 2.78 14.13 -5.73
CA TRP A 212 1.57 14.89 -5.43
C TRP A 212 1.05 15.50 -6.71
N ILE A 213 -0.17 16.00 -6.64
CA ILE A 213 -0.83 16.57 -7.81
C ILE A 213 -0.14 17.87 -8.22
N GLY A 214 -0.40 18.25 -9.47
CA GLY A 214 0.28 19.40 -10.04
C GLY A 214 1.74 19.11 -10.34
N GLY A 215 2.10 17.83 -10.52
CA GLY A 215 3.46 17.44 -10.86
C GLY A 215 4.45 17.71 -9.74
N SER A 216 3.95 17.67 -8.51
CA SER A 216 4.77 18.03 -7.36
C SER A 216 5.11 16.82 -6.46
N THR A 217 5.67 17.12 -5.29
CA THR A 217 5.97 16.08 -4.30
C THR A 217 5.65 16.66 -2.93
N ARG A 218 5.39 15.78 -1.98
CA ARG A 218 5.30 16.23 -0.59
C ARG A 218 5.38 15.06 0.34
N SER A 219 5.66 15.38 1.60
CA SER A 219 5.80 14.41 2.67
C SER A 219 4.57 14.42 3.53
N ILE A 220 3.93 13.26 3.74
CA ILE A 220 2.77 13.19 4.65
C ILE A 220 2.88 11.90 5.43
N SER A 221 2.00 11.75 6.43
CA SER A 221 2.09 10.60 7.33
C SER A 221 0.75 9.89 7.47
N GLY A 222 0.82 8.59 7.70
CA GLY A 222 -0.39 7.81 7.93
C GLY A 222 -0.21 6.35 7.64
N THR A 223 -1.18 5.53 8.08
CA THR A 223 -1.14 4.11 7.73
C THR A 223 -1.44 4.05 6.23
N SER A 224 -1.84 5.19 5.69
CA SER A 224 -2.11 5.27 4.28
C SER A 224 -0.84 5.23 3.52
N MET A 225 0.20 5.64 4.15
CA MET A 225 1.47 5.67 3.51
C MET A 225 2.19 4.33 3.68
N ALA A 226 1.89 3.60 4.75
CA ALA A 226 2.57 2.32 4.97
C ALA A 226 2.03 1.26 4.02
N THR A 227 0.72 1.32 3.78
CA THR A 227 0.03 0.35 2.95
C THR A 227 0.65 0.17 1.54
N PRO A 228 0.92 1.24 0.79
CA PRO A 228 1.54 1.07 -0.53
C PRO A 228 2.96 0.56 -0.50
N HIS A 229 3.70 0.75 0.59
CA HIS A 229 5.00 0.10 0.75
C HIS A 229 4.82 -1.42 0.67
N VAL A 230 3.83 -1.95 1.41
CA VAL A 230 3.55 -3.38 1.43
C VAL A 230 2.99 -3.85 0.09
N ALA A 231 2.07 -3.06 -0.48
CA ALA A 231 1.53 -3.39 -1.80
C ALA A 231 2.63 -3.46 -2.87
N GLY A 232 3.52 -2.47 -2.88
CA GLY A 232 4.61 -2.49 -3.82
C GLY A 232 5.56 -3.66 -3.56
N LEU A 233 5.84 -3.94 -2.30
CA LEU A 233 6.72 -5.07 -1.98
C LEU A 233 6.10 -6.38 -2.48
N ALA A 234 4.80 -6.56 -2.29
CA ALA A 234 4.13 -7.74 -2.84
C ALA A 234 4.33 -7.87 -4.36
N ALA A 235 4.09 -6.78 -5.09
CA ALA A 235 4.26 -6.81 -6.56
C ALA A 235 5.68 -7.19 -6.92
N TYR A 236 6.62 -6.60 -6.20
CA TYR A 236 8.03 -6.86 -6.40
C TYR A 236 8.35 -8.35 -6.17
N LEU A 237 7.83 -8.92 -5.09
CA LEU A 237 8.09 -10.31 -4.77
C LEU A 237 7.40 -11.28 -5.74
N MET A 238 6.26 -10.83 -6.27
CA MET A 238 5.51 -11.67 -7.19
C MET A 238 6.24 -11.81 -8.51
N THR A 239 6.80 -10.69 -8.95
CA THR A 239 7.57 -10.65 -10.17
C THR A 239 8.83 -11.53 -10.08
N LEU A 240 9.43 -11.58 -8.89
CA LEU A 240 10.60 -12.43 -8.65
C LEU A 240 10.21 -13.90 -8.53
N GLY A 241 8.93 -14.18 -8.44
CA GLY A 241 8.44 -15.55 -8.34
C GLY A 241 8.55 -16.15 -6.94
N LYS A 242 8.76 -15.32 -5.93
CA LYS A 242 8.96 -15.82 -4.56
C LYS A 242 7.64 -16.22 -3.90
N THR A 243 6.54 -15.63 -4.36
CA THR A 243 5.24 -15.85 -3.72
C THR A 243 4.12 -15.56 -4.72
N THR A 244 2.88 -15.82 -4.31
CA THR A 244 1.72 -15.62 -5.17
C THR A 244 0.79 -14.69 -4.44
N ALA A 245 -0.26 -14.26 -5.13
CA ALA A 245 -1.26 -13.37 -4.50
C ALA A 245 -1.89 -13.95 -3.26
N ALA A 246 -2.17 -15.25 -3.28
CA ALA A 246 -2.82 -15.89 -2.13
C ALA A 246 -1.95 -15.93 -0.90
N SER A 247 -0.64 -16.00 -1.09
CA SER A 247 0.21 -16.20 0.05
C SER A 247 1.20 -15.09 0.32
N ALA A 248 1.09 -13.98 -0.41
CA ALA A 248 2.10 -12.93 -0.26
C ALA A 248 2.13 -12.29 1.12
N CYS A 249 0.98 -12.11 1.75
CA CYS A 249 0.98 -11.44 3.06
C CYS A 249 1.76 -12.31 4.05
N ARG A 250 1.46 -13.61 4.02
CA ARG A 250 2.12 -14.59 4.90
C ARG A 250 3.62 -14.65 4.61
N TYR A 251 4.00 -14.64 3.34
CA TYR A 251 5.40 -14.66 2.95
C TYR A 251 6.10 -13.38 3.46
N ILE A 252 5.45 -12.22 3.31
CA ILE A 252 6.05 -10.98 3.81
C ILE A 252 6.25 -11.03 5.33
N ALA A 253 5.26 -11.58 6.05
CA ALA A 253 5.36 -11.70 7.51
C ALA A 253 6.47 -12.68 7.88
N ASP A 254 6.56 -13.79 7.13
CA ASP A 254 7.57 -14.84 7.42
C ASP A 254 9.01 -14.31 7.25
N THR A 255 9.19 -13.41 6.29
CA THR A 255 10.53 -12.93 5.92
C THR A 255 10.82 -11.53 6.46
N ALA A 256 9.92 -11.03 7.30
CA ALA A 256 10.04 -9.68 7.86
C ALA A 256 11.21 -9.51 8.82
N ASN A 257 11.59 -8.26 9.09
CA ASN A 257 12.47 -8.02 10.23
C ASN A 257 11.61 -8.22 11.48
N LYS A 258 12.05 -9.05 12.40
CA LYS A 258 11.26 -9.38 13.58
C LYS A 258 11.83 -8.77 14.85
N GLY A 259 10.98 -8.16 15.66
CA GLY A 259 11.37 -7.63 16.96
C GLY A 259 12.08 -6.29 16.96
N ASP A 260 12.17 -5.64 15.80
CA ASP A 260 12.88 -4.35 15.68
C ASP A 260 12.11 -3.12 16.18
N LEU A 261 10.78 -3.22 16.18
CA LEU A 261 9.95 -2.07 16.52
C LEU A 261 9.74 -1.87 18.02
N SER A 262 9.62 -0.61 18.42
CA SER A 262 9.29 -0.31 19.81
C SER A 262 7.87 0.24 19.89
N ASN A 263 7.33 0.32 21.10
CA ASN A 263 5.95 0.75 21.36
C ASN A 263 4.88 -0.07 20.66
N ILE A 264 5.14 -1.38 20.59
CA ILE A 264 4.17 -2.33 20.08
C ILE A 264 3.46 -2.96 21.29
N PRO A 265 2.14 -2.80 21.41
CA PRO A 265 1.40 -3.36 22.54
C PRO A 265 1.38 -4.88 22.50
N PHE A 266 1.38 -5.52 23.68
CA PHE A 266 1.33 -6.98 23.72
C PHE A 266 0.15 -7.47 22.89
N GLY A 267 0.38 -8.48 22.06
CA GLY A 267 -0.71 -9.02 21.25
C GLY A 267 -0.66 -8.56 19.79
N THR A 268 0.16 -7.55 19.53
CA THR A 268 0.35 -7.07 18.18
C THR A 268 1.67 -7.60 17.63
N VAL A 269 1.70 -8.00 16.37
CA VAL A 269 2.94 -8.51 15.76
C VAL A 269 4.03 -7.43 15.72
N ASN A 270 5.27 -7.85 15.95
CA ASN A 270 6.40 -6.97 15.82
C ASN A 270 7.13 -7.42 14.56
N LEU A 271 6.64 -6.98 13.39
CA LEU A 271 7.15 -7.43 12.10
C LEU A 271 7.17 -6.24 11.16
N LEU A 272 8.31 -6.02 10.54
CA LEU A 272 8.51 -4.87 9.66
C LEU A 272 8.88 -5.39 8.27
N ALA A 273 8.14 -4.94 7.27
CA ALA A 273 8.32 -5.40 5.89
C ALA A 273 9.78 -5.26 5.43
N TYR A 274 10.28 -6.29 4.76
CA TYR A 274 11.70 -6.39 4.40
C TYR A 274 11.86 -7.18 3.10
N ASN A 275 12.66 -6.66 2.19
CA ASN A 275 12.75 -7.30 0.88
C ASN A 275 13.80 -8.39 0.74
N ASN A 276 14.62 -8.54 1.78
CA ASN A 276 15.64 -9.59 1.78
C ASN A 276 16.54 -9.59 0.56
N TYR A 277 16.86 -8.42 0.06
CA TYR A 277 17.66 -8.36 -1.14
C TYR A 277 19.12 -8.68 -0.80
N GLN A 278 19.73 -9.52 -1.61
CA GLN A 278 21.16 -9.76 -1.49
C GLN A 278 21.73 -9.64 -2.90
N ALA A 279 22.70 -8.74 -3.05
CA ALA A 279 23.32 -8.48 -4.35
C ALA A 279 24.07 -9.70 -4.89
N LEU B 1 -3.70 14.07 13.56
CA LEU B 1 -2.86 13.41 12.50
C LEU B 1 -3.52 12.17 11.84
N LEU B 2 -4.12 12.38 10.65
CA LEU B 2 -4.74 11.33 9.84
C LEU B 2 -4.17 11.41 8.35
N PHE B 3 -4.17 10.29 7.62
CA PHE B 3 -3.73 10.10 6.17
C PHE B 3 -3.64 8.57 6.32
N ASN B 4 -4.87 8.25 6.49
CA ASN B 4 -5.70 7.17 6.92
C ASN B 4 -5.85 5.72 6.66
N ASP B 5 -6.71 5.43 7.67
CA ASP B 5 -7.41 4.26 8.18
C ASP B 5 -8.37 3.66 7.14
CA CA C . -4.70 -10.76 7.75
N NO3 D . -15.31 14.66 -6.61
O1 NO3 D . -15.17 15.39 -5.43
O2 NO3 D . -14.33 13.75 -6.95
O3 NO3 D . -16.44 14.85 -7.42
#